data_3SBK
#
_entry.id   3SBK
#
_cell.length_a   77.233
_cell.length_b   77.233
_cell.length_c   168.433
_cell.angle_alpha   90.00
_cell.angle_beta   90.00
_cell.angle_gamma   120.00
#
_symmetry.space_group_name_H-M   'P 65 2 2'
#
loop_
_entity.id
_entity.type
_entity.pdbx_description
1 polymer 'Vipera russelli proteinase RVV-V gamma'
2 non-polymer 2-acetamido-2-deoxy-beta-D-glucopyranose
3 non-polymer D-phenylalanyl-N-[(2S,3S)-6-{[amino(iminio)methyl]amino}-1-chloro-2-hydroxyhexan-3-yl]-L-prolinamide
4 water water
#
_entity_poly.entity_id   1
_entity_poly.type   'polypeptide(L)'
_entity_poly.pdbx_seq_one_letter_code
;VVGGDECNINEHPFLVALYTSASSTIHCAGALINREWVLTAAHCDRRNIRIKLGMHSKNIRNEDEQIRVPRGKYFCLNTK
FPNGLDKDIMLIRLRRPVTYSTHIAPVSLPSRSRGVGSRCRIMGWGKISTTTYPDVPHCTNIFIVKHKWCEPLYPWVPAD
SRTLCAGILKGGRDTCHGDSGGPLICNGEMHGIVAGGSEPCGQHLKPAVYTKVFDYNNWIQSIIAGNRTVTCPP
;
_entity_poly.pdbx_strand_id   A
#
# COMPACT_ATOMS: atom_id res chain seq x y z
N VAL A 1 2.99 6.17 -9.65
CA VAL A 1 3.26 4.92 -10.42
C VAL A 1 3.74 5.41 -11.77
N VAL A 2 4.58 4.64 -12.42
CA VAL A 2 5.25 5.08 -13.65
C VAL A 2 4.98 4.03 -14.73
N GLY A 3 4.78 4.50 -15.96
CA GLY A 3 4.46 3.57 -17.06
C GLY A 3 3.07 2.95 -16.99
N GLY A 4 2.12 3.73 -16.47
CA GLY A 4 0.71 3.39 -16.59
C GLY A 4 -0.18 4.61 -16.76
N ASP A 5 -1.49 4.37 -16.75
CA ASP A 5 -2.45 5.42 -17.06
C ASP A 5 -3.39 5.63 -15.90
N GLU A 6 -4.18 6.68 -16.02
CA GLU A 6 -5.39 6.78 -15.20
C GLU A 6 -6.12 5.45 -14.90
N CYS A 7 -6.44 5.25 -13.62
CA CYS A 7 -7.20 4.09 -13.19
C CYS A 7 -8.66 4.28 -13.60
N ASN A 8 -9.32 3.19 -13.96
CA ASN A 8 -10.77 3.22 -14.14
C ASN A 8 -11.39 3.74 -12.88
N ILE A 9 -12.39 4.59 -12.99
CA ILE A 9 -12.97 5.25 -11.82
C ILE A 9 -13.62 4.32 -10.79
N ASN A 10 -13.91 3.08 -11.17
CA ASN A 10 -14.57 2.17 -10.24
C ASN A 10 -13.65 1.06 -9.78
N GLU A 11 -12.42 1.07 -10.27
CA GLU A 11 -11.58 -0.06 -9.99
C GLU A 11 -10.84 0.02 -8.65
N HIS A 12 -10.97 1.10 -7.89
CA HIS A 12 -10.12 1.31 -6.71
C HIS A 12 -10.89 1.80 -5.48
N PRO A 13 -12.04 1.16 -5.17
CA PRO A 13 -12.90 1.66 -4.11
C PRO A 13 -12.31 1.48 -2.70
N PHE A 14 -11.34 0.58 -2.61
CA PHE A 14 -10.54 0.40 -1.40
C PHE A 14 -9.28 1.33 -1.29
N LEU A 15 -8.90 2.01 -2.37
CA LEU A 15 -7.83 2.99 -2.30
C LEU A 15 -8.17 4.19 -1.43
N VAL A 16 -7.40 4.38 -0.36
CA VAL A 16 -7.46 5.62 0.42
C VAL A 16 -6.18 6.45 0.30
N ALA A 17 -6.31 7.77 0.45
CA ALA A 17 -5.16 8.66 0.31
C ALA A 17 -4.81 9.22 1.68
N LEU A 18 -3.50 9.27 1.97
CA LEU A 18 -2.99 9.82 3.23
C LEU A 18 -2.23 11.12 3.01
N TYR A 19 -2.60 12.10 3.80
CA TYR A 19 -1.94 13.39 3.76
C TYR A 19 -1.96 13.85 5.21
N THR A 20 -1.39 15.02 5.47
CA THR A 20 -1.23 15.47 6.86
C THR A 20 -2.04 16.74 7.13
N SER A 21 -2.47 16.91 8.38
CA SER A 21 -3.36 18.02 8.75
C SER A 21 -2.84 19.38 8.28
N ALA A 22 -1.54 19.42 7.97
CA ALA A 22 -0.80 20.63 7.64
C ALA A 22 -0.60 20.81 6.14
N SER A 23 -0.60 19.71 5.40
CA SER A 23 -0.23 19.70 3.97
C SER A 23 -1.28 18.93 3.18
N SER A 24 -1.49 19.34 1.94
CA SER A 24 -2.54 18.73 1.13
C SER A 24 -1.97 17.68 0.16
N THR A 25 -0.64 17.61 0.11
CA THR A 25 0.03 16.64 -0.74
C THR A 25 -0.12 15.20 -0.21
N ILE A 26 -0.49 14.28 -1.10
CA ILE A 26 -0.65 12.87 -0.78
C ILE A 26 0.73 12.26 -0.55
N HIS A 27 1.04 11.83 0.66
CA HIS A 27 2.36 11.25 0.91
C HIS A 27 2.44 9.75 0.85
N CYS A 28 1.28 9.09 0.80
CA CYS A 28 1.09 7.64 0.83
C CYS A 28 -0.38 7.33 0.52
N ALA A 29 -0.65 6.08 0.13
CA ALA A 29 -2.02 5.57 0.07
C ALA A 29 -2.23 4.53 1.15
N GLY A 30 -3.27 3.72 0.99
CA GLY A 30 -3.62 2.66 1.94
C GLY A 30 -4.79 1.88 1.36
N ALA A 31 -5.24 0.86 2.08
CA ALA A 31 -6.32 0.01 1.62
C ALA A 31 -7.40 -0.06 2.70
N LEU A 32 -8.66 0.17 2.32
CA LEU A 32 -9.75 0.02 3.27
C LEU A 32 -10.02 -1.46 3.52
N ILE A 33 -10.14 -1.83 4.79
CA ILE A 33 -10.20 -3.24 5.16
C ILE A 33 -11.58 -3.68 5.63
N ASN A 34 -12.29 -2.78 6.30
CA ASN A 34 -13.68 -2.91 6.71
C ASN A 34 -14.09 -1.50 7.12
N ARG A 35 -15.30 -1.31 7.64
CA ARG A 35 -15.84 0.05 7.85
C ARG A 35 -14.95 1.01 8.64
N GLU A 36 -14.00 0.46 9.40
CA GLU A 36 -13.24 1.21 10.40
C GLU A 36 -11.71 1.01 10.40
N TRP A 37 -11.18 0.28 9.41
CA TRP A 37 -9.77 -0.11 9.43
C TRP A 37 -9.11 0.03 8.06
N VAL A 38 -7.95 0.67 8.10
CA VAL A 38 -7.13 0.85 6.92
C VAL A 38 -5.79 0.18 7.17
N LEU A 39 -5.29 -0.55 6.19
CA LEU A 39 -3.96 -1.14 6.14
C LEU A 39 -3.01 -0.25 5.33
N THR A 40 -1.75 -0.08 5.72
CA THR A 40 -0.84 0.84 5.01
C THR A 40 0.60 0.58 5.46
N ALA A 41 1.54 1.37 4.97
CA ALA A 41 2.94 1.16 5.35
C ALA A 41 3.34 1.91 6.63
N ALA A 42 4.04 1.24 7.55
CA ALA A 42 4.57 1.94 8.74
C ALA A 42 5.30 3.26 8.43
N HIS A 43 6.20 3.29 7.46
CA HIS A 43 6.82 4.59 7.22
C HIS A 43 5.90 5.72 6.77
N CYS A 44 4.63 5.43 6.50
CA CYS A 44 3.68 6.45 6.10
C CYS A 44 3.19 7.19 7.34
N ASP A 45 3.54 6.68 8.52
CA ASP A 45 3.01 7.27 9.73
C ASP A 45 3.44 8.73 9.83
N ARG A 46 2.58 9.56 10.41
CA ARG A 46 2.93 10.93 10.75
C ARG A 46 2.08 11.35 11.95
N ARG A 47 2.25 12.60 12.35
CA ARG A 47 1.72 13.04 13.61
C ARG A 47 0.23 13.34 13.48
N ASN A 48 -0.19 14.03 12.41
CA ASN A 48 -1.63 14.28 12.25
C ASN A 48 -2.23 13.79 10.93
N ILE A 49 -2.05 12.51 10.66
CA ILE A 49 -2.59 11.87 9.47
C ILE A 49 -4.04 12.23 9.25
N ARG A 50 -4.35 12.54 7.99
CA ARG A 50 -5.72 12.62 7.52
C ARG A 50 -5.85 11.60 6.41
N ILE A 51 -7.04 11.02 6.30
CA ILE A 51 -7.31 9.99 5.30
C ILE A 51 -8.52 10.33 4.42
N LYS A 52 -8.32 10.38 3.12
CA LYS A 52 -9.42 10.66 2.20
C LYS A 52 -9.83 9.38 1.48
N LEU A 53 -11.11 9.01 1.58
CA LEU A 53 -11.60 7.78 0.98
C LEU A 53 -12.62 8.14 -0.08
N GLY A 54 -12.80 7.23 -1.03
CA GLY A 54 -13.71 7.43 -2.16
C GLY A 54 -13.26 8.57 -3.06
N MET A 55 -11.96 8.80 -3.17
CA MET A 55 -11.41 9.83 -4.05
C MET A 55 -10.86 9.17 -5.29
N HIS A 56 -10.89 9.92 -6.38
CA HIS A 56 -10.18 9.48 -7.57
C HIS A 56 -9.36 10.67 -8.05
N SER A 57 -10.07 11.72 -8.48
CA SER A 57 -9.44 12.96 -8.89
C SER A 57 -9.25 13.84 -7.66
N LYS A 58 -8.05 14.42 -7.57
CA LYS A 58 -7.69 15.42 -6.55
C LYS A 58 -8.53 16.66 -6.73
N ASN A 59 -8.94 16.94 -7.97
CA ASN A 59 -9.64 18.17 -8.32
C ASN A 59 -11.17 18.10 -8.42
N ILE A 60 -11.70 17.02 -8.98
CA ILE A 60 -13.16 16.82 -9.05
C ILE A 60 -13.65 15.88 -7.95
N ARG A 61 -14.21 16.43 -6.87
CA ARG A 61 -14.81 15.66 -5.78
C ARG A 61 -15.88 14.65 -6.20
N ASN A 62 -15.92 13.48 -5.55
CA ASN A 62 -16.98 12.48 -5.73
C ASN A 62 -18.14 12.63 -4.77
N GLU A 63 -19.28 12.03 -5.15
CA GLU A 63 -20.50 12.03 -4.34
C GLU A 63 -20.09 11.66 -2.91
N ASP A 64 -19.51 10.47 -2.82
CA ASP A 64 -19.28 9.79 -1.57
C ASP A 64 -17.87 9.89 -0.94
N GLU A 65 -17.10 10.92 -1.29
CA GLU A 65 -15.82 11.20 -0.65
C GLU A 65 -15.96 11.44 0.86
N GLN A 66 -14.98 10.97 1.64
CA GLN A 66 -14.94 11.10 3.10
C GLN A 66 -13.55 11.43 3.64
N ILE A 67 -13.50 12.31 4.63
CA ILE A 67 -12.27 12.60 5.34
C ILE A 67 -12.37 11.93 6.71
N ARG A 68 -11.32 11.21 7.09
CA ARG A 68 -11.27 10.59 8.41
C ARG A 68 -9.93 10.87 9.09
N VAL A 69 -9.88 10.64 10.40
CA VAL A 69 -8.63 10.72 11.15
C VAL A 69 -8.43 9.45 11.98
N PRO A 70 -7.18 9.19 12.38
CA PRO A 70 -6.94 7.98 13.16
C PRO A 70 -7.44 8.09 14.61
N ARG A 71 -7.90 6.99 15.19
CA ARG A 71 -8.03 6.85 16.65
C ARG A 71 -7.05 5.86 17.29
N GLY A 72 -6.48 4.97 16.49
CA GLY A 72 -5.49 4.03 16.97
C GLY A 72 -4.56 3.83 15.80
N LYS A 73 -3.28 3.60 16.08
CA LYS A 73 -2.31 3.20 15.06
C LYS A 73 -1.51 2.03 15.64
N TYR A 74 -1.22 1.00 14.83
CA TYR A 74 -0.67 -0.26 15.31
C TYR A 74 0.42 -0.83 14.45
N PHE A 75 1.50 -1.22 15.13
CA PHE A 75 2.76 -1.48 14.47
C PHE A 75 3.20 -2.89 14.82
N CYS A 76 4.18 -3.41 14.08
CA CYS A 76 4.95 -4.57 14.52
C CYS A 76 6.05 -3.99 15.36
N LEU A 77 6.33 -4.70 16.45
CA LEU A 77 7.28 -4.29 17.47
C LEU A 77 8.42 -5.27 17.54
N ASN A 78 8.23 -6.46 16.99
CA ASN A 78 9.28 -7.47 16.90
C ASN A 78 9.96 -7.46 15.55
N THR A 79 10.55 -6.31 15.17
CA THR A 79 11.15 -6.18 13.86
C THR A 79 12.66 -6.32 13.89
N LYS A 80 13.23 -6.89 12.84
CA LYS A 80 14.68 -7.08 12.77
C LYS A 80 15.49 -5.79 12.77
N PHE A 81 14.91 -4.63 12.50
CA PHE A 81 15.66 -3.36 12.53
C PHE A 81 14.95 -2.31 13.35
N PRO A 82 15.70 -1.47 14.05
CA PRO A 82 14.98 -0.57 14.95
C PRO A 82 14.01 0.31 14.20
N ASN A 83 14.27 0.61 12.94
CA ASN A 83 13.32 1.50 12.28
C ASN A 83 12.05 0.82 11.74
N GLY A 84 12.03 -0.50 11.81
CA GLY A 84 10.82 -1.26 11.54
C GLY A 84 10.60 -1.43 10.05
N LEU A 85 11.59 -1.05 9.22
CA LEU A 85 11.39 -1.10 7.78
C LEU A 85 11.40 -2.50 7.22
N ASP A 86 11.96 -3.44 7.97
CA ASP A 86 11.96 -4.83 7.50
C ASP A 86 10.54 -5.31 7.55
N LYS A 87 9.67 -4.56 8.21
CA LYS A 87 8.29 -5.03 8.32
C LYS A 87 7.39 -3.82 8.22
N ASP A 88 7.31 -3.32 6.99
CA ASP A 88 6.67 -2.04 6.76
C ASP A 88 5.19 -2.25 6.57
N ILE A 89 4.46 -2.08 7.67
CA ILE A 89 3.03 -2.32 7.74
C ILE A 89 2.42 -1.70 9.01
N MET A 90 1.17 -1.25 8.91
CA MET A 90 0.56 -0.54 10.00
C MET A 90 -0.95 -0.60 9.77
N LEU A 91 -1.71 -0.63 10.86
CA LEU A 91 -3.15 -0.61 10.77
C LEU A 91 -3.65 0.68 11.41
N ILE A 92 -4.61 1.37 10.78
CA ILE A 92 -5.17 2.55 11.38
C ILE A 92 -6.65 2.31 11.71
N ARG A 93 -7.10 2.72 12.89
CA ARG A 93 -8.51 2.63 13.21
C ARG A 93 -9.10 4.03 13.04
N LEU A 94 -10.17 4.11 12.26
CA LEU A 94 -10.78 5.40 11.87
C LEU A 94 -11.53 6.01 13.03
N ARG A 95 -11.57 7.33 13.16
CA ARG A 95 -12.35 7.87 14.29
C ARG A 95 -13.81 7.40 14.15
N ARG A 96 -14.50 7.77 13.06
CA ARG A 96 -15.85 7.25 12.78
C ARG A 96 -15.78 6.33 11.57
N PRO A 97 -16.62 5.28 11.52
CA PRO A 97 -16.55 4.37 10.37
C PRO A 97 -16.93 5.07 9.08
N VAL A 98 -16.87 4.34 7.97
CA VAL A 98 -17.52 4.88 6.79
C VAL A 98 -18.68 3.97 6.46
N THR A 99 -19.45 4.34 5.44
CA THR A 99 -20.46 3.45 4.90
C THR A 99 -20.02 3.13 3.49
N TYR A 100 -20.09 1.86 3.11
CA TYR A 100 -19.78 1.45 1.74
C TYR A 100 -20.63 2.12 0.66
N SER A 101 -20.17 2.02 -0.58
CA SER A 101 -20.81 2.66 -1.71
C SER A 101 -19.98 2.39 -2.95
N THR A 102 -20.33 2.98 -4.09
CA THR A 102 -19.67 2.57 -5.32
C THR A 102 -18.15 2.68 -5.16
N HIS A 103 -17.70 3.76 -4.55
CA HIS A 103 -16.29 4.14 -4.50
C HIS A 103 -15.62 3.94 -3.14
N ILE A 104 -16.36 3.36 -2.19
CA ILE A 104 -15.86 2.95 -0.88
C ILE A 104 -16.18 1.46 -0.63
N ALA A 105 -15.19 0.59 -0.70
CA ALA A 105 -15.40 -0.86 -0.60
C ALA A 105 -14.12 -1.52 -0.08
N PRO A 106 -14.26 -2.52 0.80
CA PRO A 106 -13.18 -3.22 1.47
C PRO A 106 -12.47 -4.09 0.50
N VAL A 107 -11.15 -4.16 0.55
CA VAL A 107 -10.46 -4.99 -0.44
C VAL A 107 -10.53 -6.36 0.17
N SER A 108 -10.01 -7.36 -0.53
CA SER A 108 -10.10 -8.72 -0.04
C SER A 108 -8.71 -9.17 0.38
N LEU A 109 -8.59 -9.66 1.60
CA LEU A 109 -7.32 -10.17 2.07
C LEU A 109 -7.05 -11.49 1.38
N PRO A 110 -5.78 -11.88 1.19
CA PRO A 110 -5.48 -13.09 0.44
C PRO A 110 -6.03 -14.30 1.15
N SER A 111 -6.04 -15.44 0.45
CA SER A 111 -6.59 -16.66 1.03
C SER A 111 -5.60 -17.76 0.75
N ARG A 112 -5.08 -17.83 -0.47
CA ARG A 112 -3.94 -18.70 -0.71
C ARG A 112 -2.69 -17.86 -0.80
N SER A 113 -1.52 -18.46 -0.66
CA SER A 113 -0.30 -17.70 -0.86
C SER A 113 0.19 -17.80 -2.31
N ARG A 114 0.15 -16.68 -3.02
CA ARG A 114 0.58 -16.68 -4.42
C ARG A 114 1.98 -16.14 -4.58
N GLY A 115 2.68 -16.59 -5.62
CA GLY A 115 4.11 -16.36 -5.74
C GLY A 115 4.62 -15.94 -7.11
N VAL A 116 5.87 -16.29 -7.40
CA VAL A 116 6.59 -15.83 -8.58
C VAL A 116 5.83 -16.03 -9.91
N GLY A 117 5.78 -14.99 -10.73
CA GLY A 117 5.09 -15.09 -12.01
C GLY A 117 3.60 -14.78 -12.00
N SER A 118 2.95 -14.63 -10.85
CA SER A 118 1.57 -14.12 -10.82
C SER A 118 1.50 -12.72 -11.45
N ARG A 119 0.30 -12.34 -11.91
CA ARG A 119 0.04 -11.04 -12.54
C ARG A 119 -0.61 -10.12 -11.54
N CYS A 120 0.01 -8.98 -11.26
CA CYS A 120 -0.53 -8.07 -10.27
C CYS A 120 -0.64 -6.63 -10.74
N ARG A 121 -1.47 -5.85 -10.09
CA ARG A 121 -1.73 -4.48 -10.47
C ARG A 121 -1.40 -3.54 -9.33
N ILE A 122 -0.87 -2.37 -9.65
CA ILE A 122 -0.47 -1.40 -8.64
C ILE A 122 -1.20 -0.13 -8.94
N MET A 123 -1.47 0.66 -7.90
CA MET A 123 -2.17 1.94 -8.03
C MET A 123 -1.64 2.94 -7.00
N GLY A 124 -1.89 4.22 -7.24
CA GLY A 124 -1.61 5.30 -6.30
C GLY A 124 -1.52 6.66 -6.93
N TRP A 125 -1.32 7.67 -6.11
CA TRP A 125 -1.32 9.08 -6.50
C TRP A 125 0.09 9.66 -6.45
N GLY A 126 1.08 8.78 -6.50
CA GLY A 126 2.48 9.17 -6.49
C GLY A 126 3.00 9.42 -7.88
N LYS A 127 4.31 9.61 -7.98
CA LYS A 127 4.97 10.24 -9.12
C LYS A 127 4.91 9.43 -10.39
N ILE A 128 4.78 10.12 -11.52
CA ILE A 128 4.48 9.44 -12.77
C ILE A 128 5.56 9.67 -13.84
N SER A 129 6.47 10.59 -13.52
CA SER A 129 7.64 10.96 -14.33
C SER A 129 8.74 11.32 -13.32
N THR A 130 9.61 12.29 -13.63
CA THR A 130 10.68 12.65 -12.70
C THR A 130 10.26 13.56 -11.52
N THR A 131 9.45 14.59 -11.75
CA THR A 131 8.90 15.31 -10.58
C THR A 131 7.42 15.72 -10.71
N THR A 132 6.57 14.83 -11.23
CA THR A 132 5.13 15.15 -11.25
C THR A 132 4.20 14.26 -10.43
N TYR A 133 3.31 14.91 -9.69
CA TYR A 133 2.21 14.22 -9.01
C TYR A 133 0.93 14.34 -9.85
N PRO A 134 0.35 13.19 -10.25
CA PRO A 134 -0.86 13.25 -11.06
C PRO A 134 -2.03 13.66 -10.19
N ASP A 135 -3.10 14.11 -10.80
CA ASP A 135 -4.25 14.51 -10.02
C ASP A 135 -5.28 13.41 -9.89
N VAL A 136 -5.00 12.29 -10.54
CA VAL A 136 -5.90 11.17 -10.51
C VAL A 136 -4.99 9.97 -10.29
N PRO A 137 -5.53 8.84 -9.78
CA PRO A 137 -4.57 7.78 -9.49
C PRO A 137 -4.22 7.08 -10.77
N HIS A 138 -2.98 6.63 -10.88
CA HIS A 138 -2.55 5.78 -11.99
C HIS A 138 -2.39 4.36 -11.54
N CYS A 139 -2.50 3.46 -12.51
CA CYS A 139 -2.57 2.02 -12.33
C CYS A 139 -1.73 1.45 -13.46
N THR A 140 -1.12 0.29 -13.27
CA THR A 140 -0.60 -0.57 -14.33
C THR A 140 -0.46 -1.95 -13.76
N ASN A 141 0.05 -2.88 -14.55
CA ASN A 141 0.17 -4.27 -14.14
C ASN A 141 1.64 -4.62 -13.99
N ILE A 142 1.98 -5.42 -12.98
CA ILE A 142 3.32 -5.99 -12.85
C ILE A 142 3.24 -7.47 -12.50
N PHE A 143 4.41 -8.09 -12.36
CA PHE A 143 4.51 -9.49 -11.97
C PHE A 143 5.40 -9.62 -10.74
N ILE A 144 5.07 -10.59 -9.91
CA ILE A 144 6.03 -11.06 -8.91
C ILE A 144 7.26 -11.74 -9.56
N VAL A 145 8.42 -11.08 -9.48
CA VAL A 145 9.73 -11.66 -9.81
C VAL A 145 10.40 -12.35 -8.61
N LYS A 146 11.54 -12.99 -8.86
CA LYS A 146 12.13 -13.83 -7.84
C LYS A 146 12.87 -12.96 -6.85
N HIS A 147 12.74 -13.29 -5.58
CA HIS A 147 13.23 -12.41 -4.52
C HIS A 147 14.69 -11.95 -4.71
N LYS A 148 15.54 -12.88 -5.14
CA LYS A 148 16.96 -12.62 -5.42
C LYS A 148 17.30 -11.20 -5.91
N TRP A 149 16.43 -10.65 -6.76
CA TRP A 149 16.63 -9.33 -7.37
C TRP A 149 16.58 -8.22 -6.32
N CYS A 150 15.75 -8.41 -5.31
CA CYS A 150 15.54 -7.31 -4.38
C CYS A 150 16.62 -7.24 -3.31
N GLU A 151 16.86 -8.39 -2.68
CA GLU A 151 17.88 -8.57 -1.64
C GLU A 151 19.13 -7.69 -1.81
N PRO A 152 19.90 -7.90 -2.92
CA PRO A 152 21.13 -7.15 -3.18
C PRO A 152 20.99 -5.63 -3.18
N LEU A 153 19.78 -5.11 -3.45
CA LEU A 153 19.60 -3.67 -3.60
C LEU A 153 19.02 -2.96 -2.39
N TYR A 154 18.36 -3.71 -1.51
CA TYR A 154 17.64 -3.16 -0.33
C TYR A 154 18.03 -3.89 0.96
N PRO A 155 18.96 -3.33 1.75
CA PRO A 155 19.45 -3.88 3.01
C PRO A 155 18.35 -4.24 4.02
N TRP A 156 17.25 -3.50 3.96
CA TRP A 156 16.20 -3.56 4.97
C TRP A 156 15.30 -4.76 4.71
N VAL A 157 15.60 -5.47 3.63
CA VAL A 157 14.83 -6.59 3.11
C VAL A 157 15.77 -7.78 3.11
N PRO A 158 15.90 -8.42 4.26
CA PRO A 158 16.83 -9.52 4.19
C PRO A 158 16.28 -10.66 3.32
N ALA A 159 17.14 -11.61 2.95
CA ALA A 159 16.67 -12.88 2.39
C ALA A 159 15.55 -13.45 3.25
N ASP A 160 14.58 -14.09 2.63
CA ASP A 160 13.52 -14.78 3.38
C ASP A 160 12.75 -13.91 4.38
N SER A 161 12.86 -12.59 4.24
CA SER A 161 11.85 -11.71 4.84
C SER A 161 10.47 -11.88 4.18
N ARG A 162 9.46 -11.35 4.86
CA ARG A 162 8.08 -11.50 4.45
C ARG A 162 7.65 -10.42 3.45
N THR A 163 8.18 -10.56 2.24
CA THR A 163 7.89 -9.67 1.14
C THR A 163 7.80 -10.38 -0.22
N LEU A 164 7.16 -9.68 -1.16
CA LEU A 164 7.08 -10.09 -2.55
C LEU A 164 7.99 -9.16 -3.33
N CYS A 165 8.89 -9.69 -4.15
CA CYS A 165 9.67 -8.79 -5.00
C CYS A 165 8.95 -8.68 -6.35
N ALA A 166 8.61 -7.47 -6.80
CA ALA A 166 7.72 -7.31 -7.97
C ALA A 166 7.97 -6.09 -8.87
N GLY A 167 7.56 -6.24 -10.13
CA GLY A 167 7.79 -5.19 -11.12
C GLY A 167 7.91 -5.80 -12.51
N ILE A 168 8.71 -5.14 -13.34
CA ILE A 168 8.93 -5.50 -14.73
C ILE A 168 10.43 -5.34 -14.94
N LEU A 169 11.12 -6.46 -15.17
CA LEU A 169 12.59 -6.47 -15.10
C LEU A 169 13.27 -5.50 -16.05
N LYS A 170 12.57 -5.17 -17.13
CA LYS A 170 13.12 -4.43 -18.25
C LYS A 170 13.00 -2.93 -18.06
N GLY A 171 12.29 -2.52 -17.02
CA GLY A 171 12.04 -1.10 -16.82
C GLY A 171 10.65 -0.64 -17.25
N GLY A 172 10.32 0.58 -16.85
CA GLY A 172 9.10 1.24 -17.30
C GLY A 172 7.95 1.12 -16.33
N ARG A 173 7.67 -0.10 -15.86
CA ARG A 173 6.59 -0.25 -14.89
C ARG A 173 7.03 -0.46 -13.43
N ASP A 174 6.57 0.41 -12.55
CA ASP A 174 6.89 0.31 -11.13
C ASP A 174 6.14 1.34 -10.27
N THR A 175 6.08 1.15 -8.96
CA THR A 175 5.53 2.17 -8.05
C THR A 175 6.59 3.24 -7.84
N CYS A 176 6.22 4.31 -7.15
CA CYS A 176 7.13 5.41 -6.92
C CYS A 176 6.88 6.19 -5.63
N HIS A 177 7.69 7.23 -5.42
CA HIS A 177 7.55 8.11 -4.26
C HIS A 177 6.07 8.40 -4.09
N GLY A 178 5.57 8.22 -2.88
CA GLY A 178 4.15 8.50 -2.67
C GLY A 178 3.21 7.33 -2.92
N ASP A 179 3.69 6.21 -3.47
CA ASP A 179 2.82 5.05 -3.59
C ASP A 179 2.77 4.20 -2.32
N SER A 180 3.65 4.47 -1.37
CA SER A 180 3.77 3.60 -0.21
C SER A 180 2.41 3.33 0.42
N GLY A 181 2.21 2.08 0.85
CA GLY A 181 1.03 1.71 1.62
C GLY A 181 -0.17 1.32 0.75
N GLY A 182 -0.02 1.45 -0.56
CA GLY A 182 -1.07 1.17 -1.52
C GLY A 182 -1.09 -0.32 -1.79
N PRO A 183 -2.22 -0.83 -2.28
CA PRO A 183 -2.35 -2.27 -2.43
C PRO A 183 -1.64 -2.76 -3.67
N LEU A 184 -1.13 -3.99 -3.58
CA LEU A 184 -0.75 -4.78 -4.74
C LEU A 184 -1.85 -5.82 -4.85
N ILE A 185 -2.56 -5.83 -5.97
CA ILE A 185 -3.77 -6.64 -6.12
C ILE A 185 -3.49 -7.77 -7.09
N CYS A 186 -3.72 -9.00 -6.64
CA CYS A 186 -3.56 -10.14 -7.51
C CYS A 186 -4.82 -10.95 -7.29
N ASN A 187 -5.39 -11.41 -8.41
CA ASN A 187 -6.66 -12.11 -8.49
C ASN A 187 -7.73 -11.42 -7.66
N GLY A 188 -7.78 -10.09 -7.67
CA GLY A 188 -8.79 -9.36 -6.90
C GLY A 188 -8.65 -9.38 -5.38
N GLU A 189 -7.46 -9.71 -4.89
CA GLU A 189 -7.15 -9.75 -3.45
C GLU A 189 -5.89 -8.92 -3.18
N MET A 190 -5.77 -8.35 -1.99
CA MET A 190 -4.58 -7.57 -1.68
C MET A 190 -3.48 -8.44 -1.14
N HIS A 191 -2.48 -8.68 -1.97
CA HIS A 191 -1.36 -9.50 -1.55
C HIS A 191 -0.19 -8.68 -1.06
N GLY A 192 -0.26 -7.36 -1.22
CA GLY A 192 0.93 -6.53 -1.19
C GLY A 192 0.58 -5.19 -0.60
N ILE A 193 1.53 -4.64 0.16
CA ILE A 193 1.50 -3.25 0.57
C ILE A 193 2.81 -2.73 0.02
N VAL A 194 2.76 -1.59 -0.64
CA VAL A 194 3.94 -1.02 -1.25
C VAL A 194 4.90 -0.55 -0.17
N ALA A 195 6.12 -1.05 -0.21
CA ALA A 195 7.09 -0.79 0.86
C ALA A 195 8.16 0.17 0.34
N GLY A 196 8.91 -0.28 -0.65
CA GLY A 196 9.77 0.64 -1.41
C GLY A 196 10.46 0.01 -2.58
N GLY A 197 11.32 0.81 -3.20
CA GLY A 197 12.19 0.40 -4.32
C GLY A 197 13.15 1.55 -4.64
N SER A 198 13.77 1.54 -5.82
CA SER A 198 14.85 2.49 -6.14
C SER A 198 14.43 3.84 -6.72
N GLU A 199 15.20 4.89 -6.43
CA GLU A 199 14.88 6.28 -6.82
C GLU A 199 15.98 6.78 -7.76
N PRO A 200 15.61 7.21 -8.99
CA PRO A 200 14.29 7.21 -9.66
C PRO A 200 13.61 5.85 -9.92
N CYS A 201 12.32 5.91 -10.22
CA CYS A 201 11.47 4.71 -10.19
C CYS A 201 11.45 3.94 -11.50
N GLY A 202 11.24 2.64 -11.43
CA GLY A 202 11.15 1.79 -12.62
C GLY A 202 12.36 1.55 -13.51
N GLN A 203 13.54 2.01 -13.08
CA GLN A 203 14.83 1.71 -13.72
C GLN A 203 14.98 0.22 -14.07
N HIS A 204 15.83 -0.08 -15.06
CA HIS A 204 16.09 -1.42 -15.58
C HIS A 204 16.60 -2.38 -14.50
N LEU A 205 16.11 -3.62 -14.42
CA LEU A 205 16.62 -4.63 -13.45
C LEU A 205 16.50 -4.23 -11.96
N LYS A 206 15.39 -3.63 -11.55
CA LYS A 206 15.30 -3.00 -10.23
C LYS A 206 13.88 -3.08 -9.65
N PRO A 207 13.37 -4.32 -9.46
CA PRO A 207 12.02 -4.49 -8.93
C PRO A 207 11.86 -3.86 -7.54
N ALA A 208 10.61 -3.80 -7.05
CA ALA A 208 10.32 -3.10 -5.80
C ALA A 208 9.79 -4.10 -4.79
N VAL A 209 9.73 -3.66 -3.53
CA VAL A 209 9.39 -4.54 -2.42
C VAL A 209 7.96 -4.32 -1.95
N TYR A 210 7.22 -5.42 -1.80
CA TYR A 210 5.84 -5.34 -1.34
C TYR A 210 5.75 -6.22 -0.11
N THR A 211 5.26 -5.66 0.98
CA THR A 211 5.01 -6.44 2.18
C THR A 211 3.99 -7.51 1.80
N LYS A 212 4.34 -8.76 2.08
CA LYS A 212 3.49 -9.93 1.79
C LYS A 212 2.33 -10.05 2.78
N VAL A 213 1.24 -9.38 2.45
CA VAL A 213 0.08 -9.30 3.31
C VAL A 213 -0.36 -10.62 3.89
N PHE A 214 -0.28 -11.67 3.07
CA PHE A 214 -0.84 -12.97 3.47
C PHE A 214 -0.27 -13.45 4.82
N ASP A 215 1.05 -13.30 5.02
CA ASP A 215 1.70 -13.62 6.28
C ASP A 215 1.12 -12.95 7.54
N TYR A 216 0.73 -11.68 7.41
CA TYR A 216 0.15 -10.90 8.51
C TYR A 216 -1.35 -11.08 8.70
N ASN A 217 -1.95 -12.07 8.03
CA ASN A 217 -3.40 -12.21 8.05
C ASN A 217 -3.92 -12.31 9.47
N ASN A 218 -3.27 -13.16 10.27
CA ASN A 218 -3.69 -13.38 11.66
C ASN A 218 -3.40 -12.15 12.50
N TRP A 219 -2.16 -11.65 12.44
CA TRP A 219 -1.90 -10.40 13.12
C TRP A 219 -2.98 -9.35 12.82
N ILE A 220 -3.33 -9.15 11.54
CA ILE A 220 -4.33 -8.15 11.16
C ILE A 220 -5.68 -8.45 11.79
N GLN A 221 -6.05 -9.73 11.80
CA GLN A 221 -7.38 -10.06 12.29
C GLN A 221 -7.56 -9.99 13.81
N SER A 222 -6.51 -10.29 14.58
CA SER A 222 -6.54 -10.12 16.02
C SER A 222 -6.64 -8.63 16.33
N ILE A 223 -5.80 -7.85 15.64
CA ILE A 223 -5.75 -6.42 15.89
C ILE A 223 -7.15 -5.86 15.73
N ILE A 224 -7.76 -6.11 14.58
CA ILE A 224 -9.15 -5.72 14.35
C ILE A 224 -10.07 -6.14 15.52
N ALA A 225 -10.02 -7.41 15.91
CA ALA A 225 -10.94 -8.00 16.91
C ALA A 225 -10.83 -7.41 18.31
N GLY A 226 -9.67 -6.86 18.63
CA GLY A 226 -9.48 -6.10 19.85
C GLY A 226 -8.22 -6.49 20.61
N ASN A 227 -7.60 -7.58 20.21
CA ASN A 227 -6.39 -8.08 20.86
C ASN A 227 -5.20 -7.13 20.78
N ARG A 228 -4.61 -6.78 21.93
CA ARG A 228 -3.45 -5.88 21.94
C ARG A 228 -2.14 -6.52 22.43
N THR A 229 -2.04 -7.84 22.48
CA THR A 229 -0.81 -8.49 22.93
C THR A 229 -0.21 -9.35 21.82
N VAL A 230 -0.84 -9.30 20.65
CA VAL A 230 -0.49 -10.15 19.53
C VAL A 230 0.71 -9.56 18.80
N THR A 231 1.53 -10.44 18.26
CA THR A 231 2.79 -10.00 17.69
C THR A 231 2.81 -10.30 16.21
N CYS A 232 3.62 -9.56 15.47
CA CYS A 232 3.70 -9.82 14.06
C CYS A 232 4.35 -11.17 13.84
N PRO A 233 4.00 -11.82 12.73
CA PRO A 233 4.65 -13.06 12.36
C PRO A 233 6.14 -12.81 12.45
N PRO A 234 6.85 -13.71 13.17
CA PRO A 234 8.27 -13.62 13.47
C PRO A 234 9.14 -13.16 12.31
#